data_8DNZ
#
_entry.id   8DNZ
#
_cell.length_a   1.00
_cell.length_b   1.00
_cell.length_c   1.00
_cell.angle_alpha   90.00
_cell.angle_beta   90.00
_cell.angle_gamma   90.00
#
_symmetry.space_group_name_H-M   'P 1'
#
loop_
_entity.id
_entity.type
_entity.pdbx_description
1 polymer 'Protein transport protein Sec61 subunit gamma'
2 polymer 'Protein transport protein Sec61 subunit beta'
3 polymer 'Protein transport protein Sec61 subunit alpha isoform 1'
4 polymer 'Apratoxin F peptide inhibitor'
#
loop_
_entity_poly.entity_id
_entity_poly.type
_entity_poly.pdbx_seq_one_letter_code
_entity_poly.pdbx_strand_id
1 'polypeptide(L)' MDQVMQFVEPSRQFVKDSIRLVKRCTKPDRKEFQKIAMATAIGFAIMGFIGFFVKLIHIPINNIIVGG B
2 'polypeptide(L)'
;MPGPTPSGTNVGSSGRSPSKAVAARAAGSTVRQRKNASCGTRSAGRTTSAGTGGMWRFYTEDSPGLKVGPVPVLVMSLLF
IASVFMLHIWGKYTRS
;
C
3 'polypeptide(L)'
;MAIKFLEVIKPFCVILPEIQKPERKIQFKEKVLWTAITLFIFLVCCQIPLFGIMSSDSADPFYWMRVILASNRGTLMELG
ISPIVTSGLIMQLLAGAKIIEVGDTPKDRALFNGAQKLFGMIITIGQSIVYVMTGMYGDPSEMGAGICLLITIQLFVAGL
IVLLLDELLQKGYGLGSGISLFIATNICETIVWKAFSPTTVNTGRGMEFEGAIIALFHLLATRTDKVRALREAFYRQNLP
NLMNLIATIFVFAVVIYFQGFRYELPIRSTKVRGQIGIYPIKLFYTSNIPIILQSALVSNLYVISQMLSARFSGNLLVSL
LGTWSDTSSGGPARAYPVGGLCYYLSPPESFGSVLEDPVHAVVYIVFMLGSCAFFSKTWIEVSGSSPRDIAKQFKDQGMV
INGKRETSIYRELKKIIPTAAAFGGLCIGALSVLADFLGAIGSGTGILLAVTIIYQYFEIFVKEQSEVGSMGALLF
;
A
4 'polypeptide(L)' (T69)(0A1)(MAA)(IML)(MAA) D
#
# COMPACT_ATOMS: atom_id res chain seq x y z
N GLN A 6 26.31 -23.65 14.10
CA GLN A 6 26.75 -23.86 12.72
C GLN A 6 25.71 -23.34 11.72
N PHE A 7 25.66 -22.02 11.59
CA PHE A 7 24.71 -21.39 10.66
C PHE A 7 25.22 -21.34 9.23
N VAL A 8 26.48 -21.75 8.99
CA VAL A 8 27.02 -21.70 7.63
C VAL A 8 26.28 -22.67 6.73
N GLU A 9 26.04 -23.89 7.20
CA GLU A 9 25.36 -24.89 6.38
C GLU A 9 23.93 -24.49 6.00
N PRO A 10 23.09 -24.00 6.92
CA PRO A 10 21.77 -23.50 6.48
C PRO A 10 21.88 -22.36 5.47
N SER A 11 22.87 -21.48 5.64
CA SER A 11 23.04 -20.39 4.69
C SER A 11 23.58 -20.90 3.35
N ARG A 12 24.51 -21.86 3.39
CA ARG A 12 25.04 -22.43 2.16
C ARG A 12 23.96 -23.16 1.37
N GLN A 13 23.11 -23.92 2.07
CA GLN A 13 22.02 -24.60 1.40
C GLN A 13 21.01 -23.60 0.81
N PHE A 14 20.74 -22.52 1.54
CA PHE A 14 19.81 -21.51 1.04
C PHE A 14 20.36 -20.85 -0.23
N VAL A 15 21.66 -20.55 -0.25
CA VAL A 15 22.26 -19.94 -1.43
C VAL A 15 22.21 -20.90 -2.62
N LYS A 16 22.55 -22.16 -2.38
CA LYS A 16 22.50 -23.15 -3.45
C LYS A 16 21.08 -23.35 -3.96
N ASP A 17 20.11 -23.41 -3.04
CA ASP A 17 18.72 -23.55 -3.44
C ASP A 17 18.23 -22.31 -4.18
N SER A 18 18.64 -21.13 -3.73
CA SER A 18 18.23 -19.89 -4.40
C SER A 18 18.86 -19.78 -5.79
N ILE A 19 20.14 -20.14 -5.91
CA ILE A 19 20.80 -20.10 -7.21
C ILE A 19 20.16 -21.13 -8.15
N ARG A 20 19.88 -22.32 -7.65
CA ARG A 20 19.21 -23.33 -8.46
C ARG A 20 17.82 -22.87 -8.88
N LEU A 21 17.10 -22.22 -7.97
CA LEU A 21 15.74 -21.76 -8.29
C LEU A 21 15.75 -20.76 -9.45
N VAL A 22 16.67 -19.79 -9.40
CA VAL A 22 16.71 -18.74 -10.42
C VAL A 22 17.02 -19.34 -11.79
N LYS A 23 17.93 -20.31 -11.84
CA LYS A 23 18.29 -20.92 -13.12
C LYS A 23 17.08 -21.61 -13.76
N ARG A 24 16.20 -22.21 -12.94
CA ARG A 24 15.03 -22.89 -13.48
C ARG A 24 13.81 -21.99 -13.60
N CYS A 25 13.85 -20.77 -13.09
CA CYS A 25 12.75 -19.83 -13.31
C CYS A 25 12.72 -19.38 -14.77
N THR A 26 11.52 -19.02 -15.22
CA THR A 26 11.31 -18.52 -16.57
C THR A 26 11.41 -17.00 -16.55
N LYS A 27 12.50 -16.48 -17.10
CA LYS A 27 12.73 -15.04 -17.11
C LYS A 27 11.88 -14.37 -18.18
N PRO A 28 11.50 -13.11 -17.96
CA PRO A 28 10.76 -12.39 -19.01
C PRO A 28 11.64 -12.14 -20.22
N ASP A 29 11.08 -12.39 -21.40
CA ASP A 29 11.77 -12.11 -22.66
C ASP A 29 11.62 -10.62 -22.99
N ARG A 30 12.20 -10.23 -24.12
CA ARG A 30 12.04 -8.85 -24.57
C ARG A 30 10.57 -8.53 -24.85
N LYS A 31 9.86 -9.45 -25.50
CA LYS A 31 8.44 -9.25 -25.75
C LYS A 31 7.65 -9.23 -24.44
N GLU A 32 8.00 -10.10 -23.50
CA GLU A 32 7.29 -10.14 -22.22
C GLU A 32 7.62 -8.91 -21.37
N PHE A 33 8.84 -8.40 -21.43
CA PHE A 33 9.21 -7.26 -20.61
C PHE A 33 8.45 -6.01 -21.02
N GLN A 34 8.36 -5.74 -22.33
CA GLN A 34 7.66 -4.55 -22.79
C GLN A 34 6.16 -4.64 -22.59
N LYS A 35 5.60 -5.86 -22.49
CA LYS A 35 4.19 -5.99 -22.20
C LYS A 35 3.87 -5.60 -20.76
N ILE A 36 4.75 -5.95 -19.82
CA ILE A 36 4.54 -5.56 -18.43
C ILE A 36 4.99 -4.13 -18.19
N ALA A 37 6.07 -3.71 -18.87
CA ALA A 37 6.52 -2.34 -18.72
C ALA A 37 5.48 -1.34 -19.22
N MET A 38 4.87 -1.64 -20.36
CA MET A 38 3.80 -0.78 -20.88
C MET A 38 2.59 -0.81 -19.96
N ALA A 39 2.22 -2.00 -19.47
CA ALA A 39 1.08 -2.11 -18.56
C ALA A 39 1.34 -1.35 -17.27
N THR A 40 2.55 -1.47 -16.72
CA THR A 40 2.88 -0.72 -15.51
C THR A 40 2.91 0.78 -15.78
N ALA A 41 3.44 1.18 -16.94
CA ALA A 41 3.45 2.60 -17.28
C ALA A 41 2.04 3.14 -17.45
N ILE A 42 1.16 2.39 -18.10
CA ILE A 42 -0.23 2.80 -18.24
C ILE A 42 -0.92 2.84 -16.88
N GLY A 43 -0.70 1.81 -16.06
CA GLY A 43 -1.27 1.81 -14.71
C GLY A 43 -0.74 2.93 -13.85
N PHE A 44 0.57 3.20 -13.94
CA PHE A 44 1.14 4.31 -13.20
C PHE A 44 0.59 5.65 -13.70
N ALA A 45 0.45 5.79 -15.02
CA ALA A 45 -0.05 7.04 -15.58
C ALA A 45 -1.49 7.30 -15.18
N ILE A 46 -2.33 6.25 -15.18
CA ILE A 46 -3.74 6.44 -14.83
C ILE A 46 -3.87 6.90 -13.38
N MET A 47 -3.21 6.19 -12.46
CA MET A 47 -3.29 6.57 -11.05
C MET A 47 -2.51 7.84 -10.76
N GLY A 48 -1.31 7.96 -11.33
CA GLY A 48 -0.47 9.10 -11.02
C GLY A 48 -1.01 10.41 -11.52
N PHE A 49 -1.51 10.43 -12.76
CA PHE A 49 -1.92 11.69 -13.36
C PHE A 49 -3.35 12.10 -12.99
N ILE A 50 -4.23 11.13 -12.74
CA ILE A 50 -5.53 11.47 -12.20
C ILE A 50 -5.40 12.10 -10.83
N GLY A 51 -4.55 11.52 -9.98
CA GLY A 51 -4.28 12.13 -8.68
C GLY A 51 -3.54 13.44 -8.79
N PHE A 52 -2.69 13.59 -9.80
CA PHE A 52 -1.96 14.84 -9.99
C PHE A 52 -2.94 15.98 -10.26
N PHE A 53 -3.91 15.76 -11.16
CA PHE A 53 -4.87 16.80 -11.48
C PHE A 53 -5.90 17.01 -10.38
N VAL A 54 -6.25 15.95 -9.65
CA VAL A 54 -7.15 16.09 -8.52
C VAL A 54 -6.51 16.96 -7.44
N LYS A 55 -5.23 16.70 -7.14
CA LYS A 55 -4.51 17.53 -6.18
C LYS A 55 -4.33 18.95 -6.70
N LEU A 56 -4.00 19.09 -7.98
CA LEU A 56 -3.78 20.42 -8.54
C LEU A 56 -5.08 21.23 -8.58
N ILE A 57 -6.21 20.57 -8.89
CA ILE A 57 -7.49 21.27 -8.94
C ILE A 57 -7.87 21.80 -7.56
N HIS A 58 -7.63 21.00 -6.52
CA HIS A 58 -8.12 21.33 -5.19
C HIS A 58 -7.25 22.36 -4.46
N ILE A 59 -6.05 22.66 -4.95
CA ILE A 59 -5.24 23.71 -4.31
C ILE A 59 -5.93 25.07 -4.38
N PRO A 60 -6.41 25.54 -5.54
CA PRO A 60 -7.25 26.75 -5.51
C PRO A 60 -8.55 26.55 -4.76
N ILE A 61 -9.14 25.35 -4.85
CA ILE A 61 -10.43 25.10 -4.20
C ILE A 61 -10.27 25.14 -2.68
N ASN A 62 -9.22 24.53 -2.16
CA ASN A 62 -8.98 24.58 -0.72
C ASN A 62 -8.68 25.98 -0.25
N ASN A 63 -7.96 26.76 -1.07
CA ASN A 63 -7.67 28.14 -0.70
C ASN A 63 -8.94 28.97 -0.64
N ILE A 64 -9.84 28.81 -1.63
CA ILE A 64 -11.07 29.58 -1.65
C ILE A 64 -12.01 29.14 -0.54
N ILE A 65 -12.18 27.82 -0.40
CA ILE A 65 -13.19 27.30 0.52
C ILE A 65 -12.67 27.27 1.95
N VAL A 66 -11.43 26.85 2.15
CA VAL A 66 -10.85 26.77 3.49
C VAL A 66 -9.91 27.95 3.73
N GLY B 65 -30.93 -6.11 4.47
CA GLY B 65 -30.69 -4.69 4.65
C GLY B 65 -30.72 -3.91 3.34
N LEU B 66 -30.26 -2.67 3.40
CA LEU B 66 -30.22 -1.81 2.22
C LEU B 66 -29.06 -2.24 1.32
N LYS B 67 -29.35 -2.43 0.04
CA LYS B 67 -28.35 -2.83 -0.95
C LYS B 67 -28.36 -1.81 -2.08
N VAL B 68 -27.40 -0.89 -2.04
CA VAL B 68 -27.29 0.15 -3.05
C VAL B 68 -26.36 -0.33 -4.17
N GLY B 69 -26.45 0.34 -5.32
CA GLY B 69 -25.61 0.02 -6.44
C GLY B 69 -24.36 0.89 -6.47
N PRO B 70 -23.52 0.69 -7.49
CA PRO B 70 -22.30 1.51 -7.60
C PRO B 70 -22.57 2.99 -7.79
N VAL B 71 -23.64 3.34 -8.51
CA VAL B 71 -23.95 4.74 -8.80
C VAL B 71 -24.41 5.47 -7.55
N PRO B 72 -25.31 4.90 -6.72
CA PRO B 72 -25.63 5.58 -5.45
C PRO B 72 -24.43 5.85 -4.57
N VAL B 73 -23.44 4.93 -4.56
CA VAL B 73 -22.23 5.15 -3.78
C VAL B 73 -21.48 6.37 -4.28
N LEU B 74 -21.38 6.53 -5.60
CA LEU B 74 -20.75 7.71 -6.17
C LEU B 74 -21.52 8.98 -5.79
N VAL B 75 -22.85 8.91 -5.82
CA VAL B 75 -23.66 10.07 -5.46
C VAL B 75 -23.53 10.38 -3.97
N MET B 76 -23.59 9.35 -3.12
CA MET B 76 -23.44 9.57 -1.69
C MET B 76 -22.04 10.09 -1.35
N SER B 77 -21.02 9.59 -2.05
CA SER B 77 -19.67 10.09 -1.83
C SER B 77 -19.56 11.57 -2.21
N LEU B 78 -20.18 11.95 -3.34
CA LEU B 78 -20.17 13.35 -3.74
C LEU B 78 -21.03 14.21 -2.82
N LEU B 79 -22.12 13.65 -2.29
CA LEU B 79 -22.94 14.39 -1.34
C LEU B 79 -22.20 14.67 -0.05
N PHE B 80 -21.44 13.69 0.45
CA PHE B 80 -20.63 13.92 1.64
C PHE B 80 -19.50 14.91 1.35
N ILE B 81 -18.91 14.83 0.15
CA ILE B 81 -17.88 15.77 -0.24
C ILE B 81 -18.44 17.18 -0.28
N ALA B 82 -19.64 17.34 -0.87
CA ALA B 82 -20.27 18.65 -0.91
C ALA B 82 -20.68 19.14 0.48
N SER B 83 -21.10 18.22 1.35
CA SER B 83 -21.50 18.61 2.70
C SER B 83 -20.33 19.16 3.49
N VAL B 84 -19.14 18.55 3.35
CA VAL B 84 -17.96 19.05 4.03
C VAL B 84 -17.57 20.42 3.48
N PHE B 85 -17.72 20.63 2.17
CA PHE B 85 -17.52 21.95 1.60
C PHE B 85 -18.51 22.96 2.17
N MET B 86 -19.77 22.55 2.34
CA MET B 86 -20.76 23.42 2.95
C MET B 86 -20.41 23.76 4.39
N LEU B 87 -19.78 22.82 5.10
CA LEU B 87 -19.34 23.11 6.47
C LEU B 87 -18.30 24.22 6.49
N HIS B 88 -17.33 24.18 5.58
CA HIS B 88 -16.33 25.24 5.50
C HIS B 88 -16.95 26.55 5.03
N ILE B 89 -17.81 26.49 4.01
CA ILE B 89 -18.43 27.70 3.49
C ILE B 89 -19.31 28.35 4.56
N TRP B 90 -20.09 27.54 5.28
CA TRP B 90 -20.84 28.08 6.42
C TRP B 90 -19.90 28.58 7.49
N GLY B 91 -18.81 27.85 7.76
CA GLY B 91 -17.86 28.29 8.77
C GLY B 91 -17.23 29.62 8.44
N LYS B 92 -16.97 29.87 7.15
CA LYS B 92 -16.44 31.17 6.74
C LYS B 92 -17.45 32.28 7.02
N TYR B 93 -18.73 32.03 6.74
CA TYR B 93 -19.75 33.06 6.90
C TYR B 93 -20.13 33.26 8.37
N THR B 94 -20.17 32.19 9.15
CA THR B 94 -20.57 32.31 10.55
C THR B 94 -19.46 32.89 11.42
N ARG B 95 -18.23 32.96 10.93
CA ARG B 95 -17.12 33.55 11.68
C ARG B 95 -16.74 34.94 11.19
N SER B 96 -17.03 35.26 9.94
CA SER B 96 -16.73 36.58 9.39
C SER B 96 -17.97 37.46 9.36
N ILE C 3 -21.77 -21.33 15.76
CA ILE C 3 -22.00 -19.94 15.41
C ILE C 3 -22.74 -19.21 16.52
N LYS C 4 -21.99 -18.58 17.41
CA LYS C 4 -22.56 -17.84 18.53
C LYS C 4 -22.21 -16.36 18.53
N PHE C 5 -20.99 -16.00 18.11
CA PHE C 5 -20.60 -14.59 18.10
C PHE C 5 -21.23 -13.84 16.93
N LEU C 6 -21.33 -14.49 15.77
CA LEU C 6 -21.94 -13.85 14.61
C LEU C 6 -23.45 -13.71 14.77
N GLU C 7 -24.08 -14.60 15.53
CA GLU C 7 -25.53 -14.55 15.68
C GLU C 7 -25.96 -13.36 16.53
N VAL C 8 -25.26 -13.09 17.62
CA VAL C 8 -25.66 -12.01 18.52
C VAL C 8 -25.49 -10.65 17.84
N ILE C 9 -24.42 -10.49 17.05
CA ILE C 9 -24.19 -9.23 16.35
C ILE C 9 -24.89 -9.15 15.01
N LYS C 10 -25.61 -10.21 14.61
CA LYS C 10 -26.29 -10.21 13.32
C LYS C 10 -27.27 -9.05 13.15
N PRO C 11 -28.13 -8.72 14.13
CA PRO C 11 -28.98 -7.53 13.95
C PRO C 11 -28.20 -6.25 13.75
N PHE C 12 -27.04 -6.10 14.39
CA PHE C 12 -26.23 -4.92 14.21
C PHE C 12 -25.41 -4.95 12.91
N CYS C 13 -25.30 -6.11 12.26
CA CYS C 13 -24.56 -6.19 11.02
C CYS C 13 -25.37 -5.64 9.84
N VAL C 14 -26.69 -5.84 9.84
CA VAL C 14 -27.51 -5.50 8.69
C VAL C 14 -27.90 -4.03 8.65
N ILE C 15 -27.52 -3.24 9.65
CA ILE C 15 -27.90 -1.82 9.67
C ILE C 15 -27.02 -0.96 8.79
N LEU C 16 -25.95 -1.51 8.23
CA LEU C 16 -25.05 -0.74 7.38
C LEU C 16 -25.34 -1.01 5.90
N PRO C 17 -25.09 -0.03 5.03
CA PRO C 17 -25.36 -0.23 3.61
C PRO C 17 -24.47 -1.31 3.01
N GLU C 18 -25.01 -1.99 1.99
CA GLU C 18 -24.31 -3.06 1.29
C GLU C 18 -24.34 -2.78 -0.20
N ILE C 19 -23.35 -3.33 -0.91
CA ILE C 19 -23.26 -3.17 -2.35
C ILE C 19 -23.99 -4.32 -3.03
N GLN C 20 -24.86 -3.99 -3.97
CA GLN C 20 -25.58 -5.02 -4.72
C GLN C 20 -24.61 -5.89 -5.49
N LYS C 21 -24.81 -7.20 -5.41
CA LYS C 21 -24.04 -8.12 -6.24
C LYS C 21 -24.40 -7.89 -7.70
N PRO C 22 -23.43 -7.75 -8.60
CA PRO C 22 -23.75 -7.52 -10.01
C PRO C 22 -24.63 -8.62 -10.58
N GLU C 23 -25.58 -8.22 -11.44
CA GLU C 23 -26.44 -9.19 -12.09
C GLU C 23 -25.64 -10.11 -13.00
N ARG C 24 -24.69 -9.54 -13.74
CA ARG C 24 -23.80 -10.32 -14.59
C ARG C 24 -22.39 -9.74 -14.47
N LYS C 25 -21.42 -10.55 -14.88
CA LYS C 25 -20.02 -10.14 -14.79
C LYS C 25 -19.77 -8.89 -15.63
N ILE C 26 -19.07 -7.92 -15.05
CA ILE C 26 -18.71 -6.70 -15.75
C ILE C 26 -17.46 -6.95 -16.58
N GLN C 27 -17.46 -6.46 -17.81
CA GLN C 27 -16.30 -6.59 -18.67
C GLN C 27 -15.12 -5.80 -18.12
N PHE C 28 -13.92 -6.19 -18.53
CA PHE C 28 -12.71 -5.53 -18.03
C PHE C 28 -12.68 -4.06 -18.42
N LYS C 29 -13.32 -3.68 -19.52
CA LYS C 29 -13.35 -2.29 -19.94
C LYS C 29 -14.07 -1.42 -18.91
N GLU C 30 -15.21 -1.89 -18.39
CA GLU C 30 -15.96 -1.12 -17.41
C GLU C 30 -15.49 -1.39 -15.97
N LYS C 31 -14.75 -2.47 -15.75
CA LYS C 31 -14.15 -2.66 -14.43
C LYS C 31 -13.00 -1.69 -14.19
N VAL C 32 -12.28 -1.32 -15.25
CA VAL C 32 -11.28 -0.27 -15.14
C VAL C 32 -11.94 1.07 -14.88
N LEU C 33 -13.05 1.35 -15.56
CA LEU C 33 -13.72 2.63 -15.39
C LEU C 33 -14.24 2.81 -13.97
N TRP C 34 -14.85 1.77 -13.41
CA TRP C 34 -15.30 1.85 -12.02
C TRP C 34 -14.12 1.91 -11.06
N THR C 35 -13.02 1.24 -11.39
CA THR C 35 -11.80 1.40 -10.60
C THR C 35 -11.28 2.82 -10.65
N ALA C 36 -11.31 3.43 -11.85
CA ALA C 36 -10.88 4.82 -11.98
C ALA C 36 -11.82 5.76 -11.24
N ILE C 37 -13.12 5.51 -11.29
CA ILE C 37 -14.08 6.31 -10.53
C ILE C 37 -13.85 6.14 -9.04
N THR C 38 -13.60 4.90 -8.61
CA THR C 38 -13.40 4.62 -7.19
C THR C 38 -12.16 5.34 -6.67
N LEU C 39 -11.05 5.28 -7.42
CA LEU C 39 -9.85 5.97 -6.97
C LEU C 39 -9.99 7.48 -7.09
N PHE C 40 -10.78 7.96 -8.06
CA PHE C 40 -11.03 9.39 -8.16
C PHE C 40 -11.75 9.91 -6.93
N ILE C 41 -12.74 9.17 -6.43
CA ILE C 41 -13.45 9.57 -5.22
C ILE C 41 -12.48 9.59 -4.04
N PHE C 42 -11.64 8.57 -3.93
CA PHE C 42 -10.66 8.53 -2.86
C PHE C 42 -9.67 9.69 -2.97
N LEU C 43 -9.23 10.00 -4.18
CA LEU C 43 -8.29 11.10 -4.38
C LEU C 43 -8.93 12.44 -4.03
N VAL C 44 -10.20 12.65 -4.40
CA VAL C 44 -10.88 13.89 -4.07
C VAL C 44 -11.05 14.01 -2.56
N CYS C 45 -11.43 12.91 -1.90
CA CYS C 45 -11.64 12.94 -0.46
C CYS C 45 -10.35 13.21 0.30
N CYS C 46 -9.20 12.82 -0.25
CA CYS C 46 -7.93 13.03 0.43
C CYS C 46 -7.34 14.41 0.18
N GLN C 47 -8.03 15.25 -0.60
CA GLN C 47 -7.65 16.65 -0.77
C GLN C 47 -8.53 17.62 0.00
N ILE C 48 -9.61 17.13 0.61
CA ILE C 48 -10.57 17.99 1.30
C ILE C 48 -10.26 17.94 2.79
N PRO C 49 -9.82 19.05 3.40
CA PRO C 49 -9.48 19.01 4.82
C PRO C 49 -10.71 18.90 5.71
N LEU C 50 -10.47 18.43 6.94
CA LEU C 50 -11.52 18.38 7.94
C LEU C 50 -11.89 19.79 8.39
N PHE C 51 -13.17 19.97 8.73
CA PHE C 51 -13.66 21.32 9.02
C PHE C 51 -13.17 21.83 10.37
N GLY C 52 -13.13 20.97 11.39
CA GLY C 52 -12.87 21.41 12.74
C GLY C 52 -11.42 21.60 13.12
N ILE C 53 -10.48 21.43 12.17
CA ILE C 53 -9.07 21.53 12.49
C ILE C 53 -8.75 22.95 12.94
N MET C 54 -8.07 23.06 14.08
CA MET C 54 -7.68 24.36 14.64
C MET C 54 -6.24 24.72 14.31
N SER C 55 -5.32 23.75 14.33
CA SER C 55 -3.92 24.04 14.03
C SER C 55 -3.24 22.74 13.61
N SER C 56 -2.88 22.64 12.32
CA SER C 56 -2.09 21.52 11.82
C SER C 56 -0.60 21.85 11.81
N ASP C 57 -0.08 22.31 12.94
CA ASP C 57 1.30 22.75 13.05
C ASP C 57 2.19 21.80 13.84
N SER C 58 1.61 20.97 14.70
CA SER C 58 2.40 20.03 15.49
C SER C 58 2.99 18.95 14.61
N ALA C 59 4.06 18.33 15.10
CA ALA C 59 4.67 17.22 14.37
C ALA C 59 3.66 16.10 14.19
N ASP C 60 3.55 15.49 13.00
CA ASP C 60 2.54 14.42 12.72
C ASP C 60 2.86 13.12 13.41
N PRO C 61 1.90 12.56 14.16
CA PRO C 61 2.22 11.36 14.93
C PRO C 61 2.24 10.05 14.17
N PHE C 62 1.63 9.95 13.01
CA PHE C 62 1.51 8.71 12.31
C PHE C 62 2.09 8.85 10.95
N TYR C 63 3.12 9.64 10.82
CA TYR C 63 3.72 9.91 9.55
C TYR C 63 4.26 8.72 8.85
N TRP C 64 4.60 7.69 9.58
CA TRP C 64 5.29 6.57 8.96
C TRP C 64 4.35 5.55 8.33
N MET C 65 3.07 5.55 8.70
CA MET C 65 2.09 4.68 8.04
C MET C 65 1.33 5.38 6.93
N ARG C 66 1.58 6.66 6.67
CA ARG C 66 0.80 7.38 5.66
C ARG C 66 0.92 6.73 4.28
N VAL C 67 2.09 6.19 3.94
CA VAL C 67 2.25 5.53 2.65
C VAL C 67 1.48 4.22 2.61
N ILE C 68 1.59 3.42 3.69
CA ILE C 68 0.96 2.10 3.70
C ILE C 68 -0.49 2.13 4.17
N LEU C 69 -0.95 3.23 4.76
CA LEU C 69 -2.35 3.39 5.10
C LEU C 69 -3.11 4.22 4.08
N ALA C 70 -2.44 4.71 3.03
CA ALA C 70 -3.04 5.59 2.04
C ALA C 70 -3.67 6.81 2.68
N SER C 71 -3.04 7.33 3.73
CA SER C 71 -3.61 8.40 4.53
C SER C 71 -3.04 9.76 4.12
N ASN C 72 -3.83 10.80 4.39
CA ASN C 72 -3.40 12.18 4.19
C ASN C 72 -3.80 12.96 5.43
N ARG C 73 -2.83 13.58 6.09
CA ARG C 73 -3.09 14.23 7.37
C ARG C 73 -4.04 15.40 7.20
N GLY C 74 -4.99 15.51 8.12
CA GLY C 74 -5.89 16.64 8.15
C GLY C 74 -6.97 16.66 7.11
N THR C 75 -7.17 15.57 6.38
CA THR C 75 -8.18 15.49 5.33
C THR C 75 -9.24 14.45 5.72
N LEU C 76 -10.21 14.27 4.82
CA LEU C 76 -11.22 13.24 5.04
C LEU C 76 -10.64 11.84 5.02
N MET C 77 -9.48 11.66 4.38
CA MET C 77 -8.79 10.38 4.32
C MET C 77 -7.67 10.31 5.36
N GLU C 78 -7.88 10.92 6.52
CA GLU C 78 -6.89 10.88 7.58
C GLU C 78 -6.62 9.45 8.02
N LEU C 79 -7.67 8.66 8.21
CA LEU C 79 -7.50 7.26 8.58
C LEU C 79 -7.08 6.40 7.41
N GLY C 80 -7.45 6.78 6.19
CA GLY C 80 -7.05 6.02 5.02
C GLY C 80 -7.73 4.66 4.98
N ILE C 81 -6.95 3.62 4.75
CA ILE C 81 -7.46 2.26 4.67
C ILE C 81 -7.36 1.54 6.01
N SER C 82 -7.12 2.28 7.10
CA SER C 82 -7.06 1.66 8.42
C SER C 82 -8.31 0.88 8.78
N PRO C 83 -9.53 1.36 8.51
CA PRO C 83 -10.71 0.49 8.75
C PRO C 83 -10.65 -0.83 8.00
N ILE C 84 -10.17 -0.83 6.76
CA ILE C 84 -10.12 -2.07 5.98
C ILE C 84 -9.08 -3.03 6.57
N VAL C 85 -7.88 -2.52 6.85
CA VAL C 85 -6.79 -3.37 7.31
C VAL C 85 -7.11 -3.95 8.68
N THR C 86 -7.61 -3.11 9.59
CA THR C 86 -7.82 -3.56 10.96
C THR C 86 -9.02 -4.51 11.04
N SER C 87 -10.13 -4.16 10.39
CA SER C 87 -11.31 -5.02 10.43
C SER C 87 -11.03 -6.37 9.77
N GLY C 88 -10.31 -6.37 8.65
CA GLY C 88 -9.93 -7.62 8.03
C GLY C 88 -9.00 -8.45 8.91
N LEU C 89 -8.12 -7.78 9.65
CA LEU C 89 -7.25 -8.48 10.60
C LEU C 89 -8.06 -9.14 11.71
N ILE C 90 -9.04 -8.42 12.25
CA ILE C 90 -9.88 -8.99 13.30
C ILE C 90 -10.66 -10.19 12.77
N MET C 91 -11.13 -10.09 11.52
CA MET C 91 -11.83 -11.22 10.91
C MET C 91 -10.93 -12.44 10.79
N GLN C 92 -9.67 -12.25 10.38
CA GLN C 92 -8.77 -13.38 10.26
C GLN C 92 -8.40 -13.94 11.63
N LEU C 93 -8.16 -13.07 12.61
CA LEU C 93 -7.83 -13.54 13.95
C LEU C 93 -8.99 -14.29 14.58
N LEU C 94 -10.21 -13.78 14.41
CA LEU C 94 -11.38 -14.49 14.94
C LEU C 94 -11.59 -15.81 14.22
N ALA C 95 -11.45 -15.83 12.90
CA ALA C 95 -11.56 -17.08 12.16
C ALA C 95 -10.44 -18.05 12.52
N GLY C 96 -9.22 -17.53 12.69
CA GLY C 96 -8.11 -18.39 13.02
C GLY C 96 -8.24 -19.03 14.39
N ALA C 97 -8.81 -18.30 15.35
CA ALA C 97 -9.00 -18.80 16.70
C ALA C 97 -10.39 -19.41 16.90
N LYS C 98 -11.17 -19.57 15.83
CA LYS C 98 -12.41 -20.34 15.80
C LYS C 98 -13.54 -19.69 16.58
N ILE C 99 -13.49 -18.40 16.86
CA ILE C 99 -14.66 -17.71 17.39
C ILE C 99 -15.76 -17.65 16.33
N ILE C 100 -15.39 -17.35 15.10
CA ILE C 100 -16.34 -17.26 13.99
C ILE C 100 -15.90 -18.21 12.89
N GLU C 101 -16.80 -18.46 11.95
CA GLU C 101 -16.54 -19.28 10.79
C GLU C 101 -16.88 -18.50 9.53
N VAL C 102 -15.92 -18.40 8.61
CA VAL C 102 -16.16 -17.68 7.37
C VAL C 102 -17.23 -18.39 6.53
N GLY C 103 -17.17 -19.72 6.48
CA GLY C 103 -18.19 -20.50 5.80
C GLY C 103 -18.16 -20.34 4.29
N ASP C 104 -19.16 -20.95 3.66
CA ASP C 104 -19.33 -20.86 2.21
C ASP C 104 -20.77 -20.56 1.79
N THR C 105 -21.74 -20.67 2.69
CA THR C 105 -23.13 -20.37 2.35
C THR C 105 -23.26 -18.89 1.99
N PRO C 106 -24.00 -18.55 0.94
CA PRO C 106 -24.13 -17.13 0.57
C PRO C 106 -24.68 -16.25 1.68
N LYS C 107 -25.60 -16.77 2.50
CA LYS C 107 -26.08 -15.99 3.64
C LYS C 107 -25.04 -15.90 4.74
N ASP C 108 -24.17 -16.89 4.86
CA ASP C 108 -23.11 -16.84 5.86
C ASP C 108 -22.00 -15.87 5.45
N ARG C 109 -21.66 -15.86 4.16
CA ARG C 109 -20.64 -14.93 3.68
C ARG C 109 -21.11 -13.49 3.83
N ALA C 110 -22.39 -13.23 3.57
CA ALA C 110 -22.93 -11.88 3.78
C ALA C 110 -22.88 -11.49 5.25
N LEU C 111 -23.15 -12.44 6.14
CA LEU C 111 -23.01 -12.18 7.57
C LEU C 111 -21.57 -11.90 7.94
N PHE C 112 -20.63 -12.63 7.34
CA PHE C 112 -19.22 -12.36 7.55
C PHE C 112 -18.84 -10.97 7.06
N ASN C 113 -19.35 -10.58 5.89
CA ASN C 113 -19.08 -9.24 5.37
C ASN C 113 -19.69 -8.16 6.25
N GLY C 114 -20.90 -8.39 6.75
CA GLY C 114 -21.53 -7.41 7.62
C GLY C 114 -20.79 -7.23 8.94
N ALA C 115 -20.27 -8.33 9.50
CA ALA C 115 -19.48 -8.22 10.71
C ALA C 115 -18.19 -7.44 10.47
N GLN C 116 -17.54 -7.67 9.33
CA GLN C 116 -16.32 -6.95 9.01
C GLN C 116 -16.61 -5.46 8.83
N LYS C 117 -17.72 -5.12 8.18
CA LYS C 117 -18.13 -3.73 8.06
C LYS C 117 -18.46 -3.12 9.41
N LEU C 118 -19.12 -3.89 10.30
CA LEU C 118 -19.47 -3.38 11.61
C LEU C 118 -18.22 -3.04 12.41
N PHE C 119 -17.20 -3.90 12.36
CA PHE C 119 -15.96 -3.62 13.07
C PHE C 119 -15.18 -2.49 12.42
N GLY C 120 -15.34 -2.30 11.11
CA GLY C 120 -14.72 -1.17 10.45
C GLY C 120 -15.23 0.17 10.99
N MET C 121 -16.54 0.26 11.24
CA MET C 121 -17.08 1.44 11.90
C MET C 121 -16.54 1.57 13.33
N ILE C 122 -16.44 0.45 14.05
CA ILE C 122 -15.91 0.50 15.41
C ILE C 122 -14.46 0.95 15.41
N ILE C 123 -13.66 0.42 14.48
CA ILE C 123 -12.27 0.85 14.36
C ILE C 123 -12.20 2.31 13.93
N THR C 124 -13.08 2.72 13.01
CA THR C 124 -13.09 4.09 12.55
C THR C 124 -13.38 5.05 13.70
N ILE C 125 -14.39 4.75 14.50
CA ILE C 125 -14.71 5.60 15.65
C ILE C 125 -13.58 5.58 16.67
N GLY C 126 -13.06 4.39 16.96
CA GLY C 126 -11.99 4.29 17.94
C GLY C 126 -10.73 5.03 17.53
N GLN C 127 -10.34 4.90 16.26
CA GLN C 127 -9.14 5.59 15.78
C GLN C 127 -9.39 7.09 15.64
N SER C 128 -10.62 7.49 15.31
CA SER C 128 -10.92 8.93 15.20
C SER C 128 -10.72 9.62 16.54
N ILE C 129 -11.18 9.00 17.63
CA ILE C 129 -10.97 9.58 18.95
C ILE C 129 -9.48 9.61 19.29
N VAL C 130 -8.76 8.53 18.98
CA VAL C 130 -7.32 8.48 19.26
C VAL C 130 -6.59 9.54 18.46
N TYR C 131 -6.93 9.70 17.18
CA TYR C 131 -6.29 10.72 16.35
C TYR C 131 -6.55 12.12 16.91
N VAL C 132 -7.77 12.38 17.34
CA VAL C 132 -8.10 13.70 17.90
C VAL C 132 -7.30 13.95 19.17
N MET C 133 -7.17 12.93 20.03
CA MET C 133 -6.50 13.09 21.31
C MET C 133 -4.98 13.09 21.20
N THR C 134 -4.42 12.76 20.04
CA THR C 134 -2.97 12.77 19.87
C THR C 134 -2.38 14.18 19.87
N GLY C 135 -3.22 15.21 19.81
CA GLY C 135 -2.77 16.57 19.76
C GLY C 135 -2.86 17.22 18.40
N MET C 136 -3.01 16.44 17.33
CA MET C 136 -3.23 17.01 16.02
C MET C 136 -4.61 17.66 15.96
N TYR C 137 -4.79 18.53 14.96
CA TYR C 137 -5.94 19.42 14.78
C TYR C 137 -6.01 20.48 15.86
N GLY C 138 -5.02 20.57 16.75
CA GLY C 138 -5.05 21.49 17.86
C GLY C 138 -5.35 20.78 19.17
N ASP C 139 -5.41 21.56 20.23
CA ASP C 139 -5.68 21.03 21.56
C ASP C 139 -7.15 20.67 21.68
N PRO C 140 -7.49 19.41 21.98
CA PRO C 140 -8.91 19.02 22.05
C PRO C 140 -9.71 19.79 23.08
N SER C 141 -9.11 20.16 24.22
CA SER C 141 -9.83 20.95 25.21
C SER C 141 -10.15 22.34 24.70
N GLU C 142 -9.24 22.98 23.99
CA GLU C 142 -9.50 24.26 23.34
C GLU C 142 -10.36 24.11 22.09
N MET C 143 -10.28 22.95 21.43
CA MET C 143 -11.11 22.71 20.25
C MET C 143 -12.59 22.71 20.62
N GLY C 144 -12.94 22.10 21.74
CA GLY C 144 -14.32 22.01 22.19
C GLY C 144 -14.93 20.65 21.87
N ALA C 145 -15.93 20.31 22.68
CA ALA C 145 -16.61 19.02 22.51
C ALA C 145 -17.36 18.95 21.18
N GLY C 146 -18.01 20.04 20.78
CA GLY C 146 -18.74 20.04 19.53
C GLY C 146 -17.83 19.91 18.32
N ILE C 147 -16.71 20.63 18.31
CA ILE C 147 -15.77 20.57 17.19
C ILE C 147 -15.13 19.19 17.12
N CYS C 148 -14.72 18.64 18.27
CA CYS C 148 -14.12 17.31 18.27
C CYS C 148 -15.13 16.25 17.85
N LEU C 149 -16.38 16.39 18.27
CA LEU C 149 -17.42 15.47 17.83
C LEU C 149 -17.66 15.59 16.32
N LEU C 150 -17.65 16.81 15.80
CA LEU C 150 -17.89 17.02 14.39
C LEU C 150 -16.81 16.39 13.53
N ILE C 151 -15.54 16.48 13.97
CA ILE C 151 -14.45 15.85 13.23
C ILE C 151 -14.62 14.34 13.23
N THR C 152 -15.05 13.77 14.35
CA THR C 152 -15.30 12.33 14.41
C THR C 152 -16.41 11.94 13.46
N ILE C 153 -17.45 12.78 13.34
CA ILE C 153 -18.54 12.51 12.40
C ILE C 153 -18.02 12.51 10.97
N GLN C 154 -17.17 13.49 10.63
CA GLN C 154 -16.62 13.54 9.29
C GLN C 154 -15.76 12.33 8.99
N LEU C 155 -14.93 11.90 9.95
CA LEU C 155 -14.10 10.73 9.73
C LEU C 155 -14.91 9.45 9.74
N PHE C 156 -16.04 9.43 10.44
CA PHE C 156 -16.90 8.24 10.44
C PHE C 156 -17.55 8.03 9.08
N VAL C 157 -18.12 9.09 8.51
CA VAL C 157 -18.75 8.97 7.19
C VAL C 157 -17.70 8.71 6.12
N ALA C 158 -16.52 9.33 6.26
CA ALA C 158 -15.43 9.07 5.33
C ALA C 158 -14.98 7.61 5.42
N GLY C 159 -14.87 7.08 6.63
CA GLY C 159 -14.54 5.67 6.79
C GLY C 159 -15.60 4.75 6.24
N LEU C 160 -16.87 5.13 6.36
CA LEU C 160 -17.94 4.37 5.74
C LEU C 160 -17.81 4.39 4.22
N ILE C 161 -17.41 5.54 3.66
CA ILE C 161 -17.22 5.64 2.22
C ILE C 161 -16.09 4.73 1.76
N VAL C 162 -15.00 4.67 2.53
CA VAL C 162 -13.86 3.83 2.15
C VAL C 162 -14.27 2.37 2.11
N LEU C 163 -15.01 1.90 3.11
CA LEU C 163 -15.49 0.52 3.10
C LEU C 163 -16.49 0.30 1.97
N LEU C 164 -17.35 1.28 1.69
CA LEU C 164 -18.25 1.17 0.56
C LEU C 164 -17.47 1.12 -0.75
N LEU C 165 -16.46 1.97 -0.90
CA LEU C 165 -15.61 1.92 -2.08
C LEU C 165 -14.80 0.64 -2.13
N ASP C 166 -14.29 0.18 -0.99
CA ASP C 166 -13.54 -1.06 -0.95
C ASP C 166 -14.42 -2.24 -1.34
N GLU C 167 -15.64 -2.30 -0.79
CA GLU C 167 -16.54 -3.39 -1.13
C GLU C 167 -16.98 -3.32 -2.57
N LEU C 168 -17.12 -2.11 -3.11
CA LEU C 168 -17.47 -1.94 -4.53
C LEU C 168 -16.46 -2.63 -5.42
N LEU C 169 -15.17 -2.48 -5.12
CA LEU C 169 -14.13 -3.16 -5.90
C LEU C 169 -14.21 -4.68 -5.72
N GLN C 170 -14.52 -5.13 -4.50
CA GLN C 170 -14.51 -6.56 -4.23
C GLN C 170 -15.72 -7.27 -4.85
N LYS C 171 -16.89 -6.62 -4.83
CA LYS C 171 -18.11 -7.27 -5.30
C LYS C 171 -18.10 -7.58 -6.79
N GLY C 172 -17.17 -7.01 -7.55
CA GLY C 172 -17.07 -7.31 -8.96
C GLY C 172 -17.15 -6.10 -9.86
N TYR C 173 -17.23 -4.92 -9.27
CA TYR C 173 -17.25 -3.69 -10.03
C TYR C 173 -15.85 -3.13 -10.32
N GLY C 174 -14.89 -3.40 -9.45
CA GLY C 174 -13.54 -2.91 -9.63
C GLY C 174 -12.53 -4.00 -9.96
N LEU C 175 -11.25 -3.71 -9.76
CA LEU C 175 -10.18 -4.63 -10.16
C LEU C 175 -9.42 -5.19 -8.97
N GLY C 176 -10.04 -5.24 -7.79
CA GLY C 176 -9.36 -5.83 -6.65
C GLY C 176 -9.86 -5.33 -5.31
N SER C 177 -8.94 -4.93 -4.45
CA SER C 177 -9.26 -4.46 -3.11
C SER C 177 -8.93 -2.97 -2.98
N GLY C 178 -9.62 -2.31 -2.05
CA GLY C 178 -9.33 -0.93 -1.75
C GLY C 178 -7.95 -0.73 -1.16
N ILE C 179 -7.45 -1.74 -0.43
CA ILE C 179 -6.11 -1.64 0.16
C ILE C 179 -5.06 -1.47 -0.93
N SER C 180 -5.10 -2.33 -1.95
CA SER C 180 -4.10 -2.26 -3.00
C SER C 180 -4.26 -1.00 -3.85
N LEU C 181 -5.50 -0.65 -4.20
CA LEU C 181 -5.73 0.48 -5.09
C LEU C 181 -5.33 1.80 -4.42
N PHE C 182 -5.76 2.01 -3.17
CA PHE C 182 -5.54 3.29 -2.53
C PHE C 182 -4.08 3.48 -2.14
N ILE C 183 -3.38 2.40 -1.77
CA ILE C 183 -1.95 2.51 -1.47
C ILE C 183 -1.19 2.91 -2.73
N ALA C 184 -1.44 2.20 -3.83
CA ALA C 184 -0.73 2.48 -5.08
C ALA C 184 -1.10 3.85 -5.65
N THR C 185 -2.36 4.27 -5.48
CA THR C 185 -2.79 5.54 -6.05
C THR C 185 -2.04 6.70 -5.43
N ASN C 186 -1.83 6.67 -4.10
CA ASN C 186 -1.08 7.75 -3.45
C ASN C 186 0.39 7.70 -3.81
N ILE C 187 0.96 6.51 -3.96
CA ILE C 187 2.36 6.40 -4.35
C ILE C 187 2.57 6.93 -5.77
N CYS C 188 1.70 6.52 -6.70
CA CYS C 188 1.79 7.00 -8.07
C CYS C 188 1.54 8.51 -8.13
N GLU C 189 0.62 9.01 -7.30
CA GLU C 189 0.37 10.44 -7.24
C GLU C 189 1.59 11.19 -6.72
N THR C 190 2.26 10.63 -5.72
CA THR C 190 3.43 11.29 -5.13
C THR C 190 4.56 11.39 -6.16
N ILE C 191 4.82 10.32 -6.91
CA ILE C 191 5.90 10.33 -7.88
C ILE C 191 5.63 11.35 -8.98
N VAL C 192 4.39 11.40 -9.48
CA VAL C 192 4.04 12.36 -10.52
C VAL C 192 4.11 13.78 -9.97
N TRP C 193 3.71 13.97 -8.71
CA TRP C 193 3.79 15.30 -8.11
C TRP C 193 5.22 15.79 -8.02
N LYS C 194 6.15 14.91 -7.62
CA LYS C 194 7.55 15.32 -7.53
C LYS C 194 8.15 15.65 -8.88
N ALA C 195 7.51 15.26 -9.97
CA ALA C 195 8.02 15.52 -11.32
C ALA C 195 7.33 16.68 -12.02
N PHE C 196 6.05 16.95 -11.72
CA PHE C 196 5.27 17.91 -12.48
C PHE C 196 4.59 18.98 -11.62
N SER C 197 4.91 19.07 -10.34
CA SER C 197 4.21 20.04 -9.48
C SER C 197 4.57 21.46 -9.89
N PRO C 198 3.59 22.34 -10.07
CA PRO C 198 3.88 23.75 -10.33
C PRO C 198 4.25 24.54 -9.09
N THR C 199 4.28 23.91 -7.93
CA THR C 199 4.66 24.60 -6.70
C THR C 199 6.08 25.14 -6.81
N THR C 200 6.25 26.39 -6.43
CA THR C 200 7.53 27.08 -6.53
C THR C 200 7.96 27.56 -5.15
N VAL C 201 9.26 27.52 -4.90
CA VAL C 201 9.85 27.94 -3.63
C VAL C 201 11.02 28.88 -3.93
N ASN C 202 11.11 29.96 -3.15
CA ASN C 202 12.17 30.95 -3.31
C ASN C 202 13.08 30.91 -2.09
N THR C 203 14.38 30.75 -2.33
CA THR C 203 15.37 30.74 -1.27
C THR C 203 16.42 31.83 -1.47
N GLY C 204 16.17 32.78 -2.37
CA GLY C 204 17.10 33.86 -2.61
C GLY C 204 17.67 33.85 -4.02
N ARG C 205 17.95 32.66 -4.54
CA ARG C 205 18.52 32.56 -5.88
C ARG C 205 17.47 32.82 -6.96
N GLY C 206 16.22 32.57 -6.66
CA GLY C 206 15.15 32.78 -7.62
C GLY C 206 14.02 31.80 -7.37
N MET C 207 13.07 31.80 -8.30
CA MET C 207 11.90 30.94 -8.18
C MET C 207 12.21 29.58 -8.80
N GLU C 208 12.05 28.52 -8.01
CA GLU C 208 12.39 27.17 -8.43
C GLU C 208 11.16 26.28 -8.31
N PHE C 209 10.83 25.57 -9.38
CA PHE C 209 9.69 24.66 -9.37
C PHE C 209 10.02 23.43 -8.53
N GLU C 210 9.02 22.96 -7.78
CA GLU C 210 9.20 21.75 -6.98
C GLU C 210 9.18 20.49 -7.84
N GLY C 211 8.57 20.54 -9.01
CA GLY C 211 8.56 19.40 -9.91
C GLY C 211 9.85 19.34 -10.71
N ALA C 212 10.47 18.16 -10.74
CA ALA C 212 11.79 18.03 -11.38
C ALA C 212 11.73 18.33 -12.87
N ILE C 213 10.74 17.78 -13.57
CA ILE C 213 10.65 17.98 -15.01
C ILE C 213 10.30 19.41 -15.34
N ILE C 214 9.37 20.01 -14.59
CA ILE C 214 9.03 21.41 -14.80
C ILE C 214 10.23 22.31 -14.47
N ALA C 215 11.02 21.92 -13.46
CA ALA C 215 12.21 22.70 -13.13
C ALA C 215 13.22 22.67 -14.26
N LEU C 216 13.37 21.53 -14.93
CA LEU C 216 14.33 21.43 -16.03
C LEU C 216 13.98 22.41 -17.15
N PHE C 217 12.70 22.46 -17.53
CA PHE C 217 12.29 23.39 -18.57
C PHE C 217 12.41 24.84 -18.12
N HIS C 218 12.06 25.10 -16.85
CA HIS C 218 12.20 26.46 -16.33
C HIS C 218 13.65 26.91 -16.27
N LEU C 219 14.54 26.02 -15.81
CA LEU C 219 15.95 26.38 -15.69
C LEU C 219 16.58 26.62 -17.06
N LEU C 220 16.25 25.78 -18.04
CA LEU C 220 16.82 25.94 -19.38
C LEU C 220 16.36 27.24 -20.03
N ALA C 221 15.08 27.58 -19.89
CA ALA C 221 14.56 28.79 -20.52
C ALA C 221 15.05 30.04 -19.81
N THR C 222 15.01 30.04 -18.47
CA THR C 222 15.41 31.22 -17.71
C THR C 222 16.90 31.51 -17.86
N ARG C 223 17.74 30.48 -17.80
CA ARG C 223 19.19 30.64 -17.85
C ARG C 223 19.76 30.42 -19.24
N THR C 224 18.90 30.28 -20.25
CA THR C 224 19.30 30.22 -21.66
C THR C 224 20.27 29.06 -21.91
N ASP C 225 19.77 27.85 -21.70
CA ASP C 225 20.51 26.61 -21.98
C ASP C 225 21.84 26.55 -21.26
N LYS C 226 21.89 27.06 -20.03
CA LYS C 226 23.11 27.04 -19.24
C LYS C 226 23.50 25.61 -18.90
N VAL C 227 24.81 25.33 -18.94
CA VAL C 227 25.30 24.02 -18.55
C VAL C 227 25.03 23.78 -17.07
N ARG C 228 25.17 24.82 -16.24
CA ARG C 228 24.88 24.70 -14.82
C ARG C 228 23.41 24.41 -14.58
N ALA C 229 22.53 24.85 -15.48
CA ALA C 229 21.11 24.56 -15.35
C ALA C 229 20.84 23.07 -15.44
N LEU C 230 21.51 22.39 -16.38
CA LEU C 230 21.38 20.93 -16.46
C LEU C 230 21.93 20.26 -15.21
N ARG C 231 23.08 20.74 -14.71
CA ARG C 231 23.64 20.18 -13.50
C ARG C 231 22.72 20.40 -12.31
N GLU C 232 22.13 21.59 -12.20
CA GLU C 232 21.20 21.86 -11.11
C GLU C 232 19.94 21.02 -11.24
N ALA C 233 19.45 20.84 -12.47
CA ALA C 233 18.23 20.06 -12.67
C ALA C 233 18.42 18.60 -12.30
N PHE C 234 19.63 18.06 -12.52
CA PHE C 234 19.91 16.66 -12.23
C PHE C 234 20.43 16.44 -10.82
N TYR C 235 21.16 17.40 -10.25
CA TYR C 235 21.82 17.24 -8.96
C TYR C 235 21.28 18.24 -7.93
N ARG C 236 19.95 18.36 -7.86
CA ARG C 236 19.30 19.27 -6.92
C ARG C 236 19.03 18.55 -5.62
N GLN C 237 19.55 19.08 -4.51
CA GLN C 237 19.32 18.49 -3.20
C GLN C 237 18.14 19.11 -2.46
N ASN C 238 17.86 20.39 -2.69
CA ASN C 238 16.76 21.04 -1.98
C ASN C 238 15.41 20.56 -2.49
N LEU C 239 15.30 20.26 -3.77
CA LEU C 239 14.06 19.87 -4.42
C LEU C 239 14.32 18.61 -5.25
N PRO C 240 13.27 17.87 -5.61
CA PRO C 240 13.46 16.68 -6.43
C PRO C 240 14.17 17.01 -7.74
N ASN C 241 15.10 16.14 -8.12
CA ASN C 241 15.93 16.32 -9.31
C ASN C 241 15.68 15.18 -10.28
N LEU C 242 16.32 15.27 -11.45
CA LEU C 242 16.09 14.30 -12.51
C LEU C 242 16.80 12.97 -12.24
N MET C 243 17.92 13.00 -11.50
CA MET C 243 18.59 11.75 -11.15
C MET C 243 17.70 10.85 -10.30
N ASN C 244 16.92 11.44 -9.39
CA ASN C 244 16.00 10.65 -8.59
C ASN C 244 14.88 10.08 -9.45
N LEU C 245 14.43 10.84 -10.45
CA LEU C 245 13.44 10.32 -11.38
C LEU C 245 14.01 9.19 -12.23
N ILE C 246 15.24 9.35 -12.72
CA ILE C 246 15.90 8.29 -13.48
C ILE C 246 16.10 7.06 -12.60
N ALA C 247 16.45 7.28 -11.33
CA ALA C 247 16.53 6.17 -10.39
C ALA C 247 15.17 5.50 -10.20
N THR C 248 14.10 6.30 -10.14
CA THR C 248 12.77 5.74 -10.04
C THR C 248 12.43 4.87 -11.24
N ILE C 249 12.75 5.35 -12.45
CA ILE C 249 12.49 4.57 -13.65
C ILE C 249 13.33 3.31 -13.67
N PHE C 250 14.59 3.40 -13.22
CA PHE C 250 15.45 2.23 -13.20
C PHE C 250 14.92 1.17 -12.24
N VAL C 251 14.44 1.58 -11.07
CA VAL C 251 13.90 0.63 -10.11
C VAL C 251 12.61 -0.01 -10.64
N PHE C 252 11.76 0.80 -11.29
CA PHE C 252 10.58 0.24 -11.93
C PHE C 252 10.95 -0.85 -12.93
N ALA C 253 11.95 -0.60 -13.76
CA ALA C 253 12.36 -1.58 -14.76
C ALA C 253 12.90 -2.85 -14.10
N VAL C 254 13.71 -2.70 -13.04
CA VAL C 254 14.33 -3.85 -12.41
C VAL C 254 13.28 -4.68 -11.67
N VAL C 255 12.38 -4.03 -10.95
CA VAL C 255 11.34 -4.75 -10.22
C VAL C 255 10.39 -5.45 -11.18
N ILE C 256 10.08 -4.80 -12.30
CA ILE C 256 9.23 -5.42 -13.32
C ILE C 256 9.90 -6.68 -13.87
N TYR C 257 11.22 -6.63 -14.07
CA TYR C 257 11.93 -7.80 -14.59
C TYR C 257 11.84 -8.97 -13.62
N PHE C 258 12.07 -8.72 -12.33
CA PHE C 258 11.99 -9.78 -11.33
C PHE C 258 10.56 -10.15 -10.99
N GLN C 259 9.59 -9.26 -11.23
CA GLN C 259 8.20 -9.61 -11.03
C GLN C 259 7.74 -10.68 -12.01
N GLY C 260 8.34 -10.72 -13.20
CA GLY C 260 8.05 -11.72 -14.19
C GLY C 260 8.77 -13.03 -14.01
N PHE C 261 9.66 -13.13 -13.03
CA PHE C 261 10.30 -14.40 -12.72
C PHE C 261 9.27 -15.38 -12.19
N ARG C 262 9.30 -16.61 -12.69
CA ARG C 262 8.34 -17.61 -12.25
C ARG C 262 8.89 -19.00 -12.56
N TYR C 263 8.58 -19.95 -11.68
CA TYR C 263 8.85 -21.36 -11.92
C TYR C 263 7.59 -21.98 -12.50
N GLU C 264 7.68 -22.53 -13.70
CA GLU C 264 6.52 -23.05 -14.42
C GLU C 264 6.46 -24.56 -14.24
N LEU C 265 5.55 -25.01 -13.39
CA LEU C 265 5.34 -26.43 -13.19
C LEU C 265 4.47 -26.99 -14.30
N PRO C 266 4.94 -27.96 -15.08
CA PRO C 266 4.08 -28.64 -16.06
C PRO C 266 3.19 -29.65 -15.37
N ILE C 267 1.87 -29.44 -15.44
CA ILE C 267 0.92 -30.27 -14.73
C ILE C 267 -0.11 -30.85 -15.69
N ARG C 268 -0.66 -32.00 -15.30
CA ARG C 268 -1.79 -32.60 -15.99
C ARG C 268 -2.88 -32.94 -14.96
N SER C 269 -4.12 -32.99 -15.42
CA SER C 269 -5.23 -33.40 -14.60
C SER C 269 -5.49 -34.88 -14.76
N THR C 270 -5.70 -35.58 -13.65
CA THR C 270 -5.97 -37.00 -13.66
C THR C 270 -7.45 -37.35 -13.56
N LYS C 271 -8.24 -36.51 -12.88
CA LYS C 271 -9.68 -36.76 -12.80
C LYS C 271 -10.35 -36.55 -14.15
N VAL C 272 -10.22 -35.35 -14.72
CA VAL C 272 -10.71 -35.04 -16.05
C VAL C 272 -9.50 -34.95 -16.98
N ARG C 273 -9.30 -36.01 -17.77
CA ARG C 273 -8.17 -36.06 -18.69
C ARG C 273 -8.35 -35.03 -19.80
N GLY C 274 -7.22 -34.51 -20.27
CA GLY C 274 -7.21 -33.49 -21.31
C GLY C 274 -6.99 -32.09 -20.80
N GLN C 275 -7.13 -31.87 -19.50
CA GLN C 275 -6.90 -30.55 -18.90
C GLN C 275 -5.43 -30.44 -18.56
N ILE C 276 -4.65 -29.86 -19.46
CA ILE C 276 -3.23 -29.64 -19.26
C ILE C 276 -2.99 -28.15 -19.11
N GLY C 277 -1.91 -27.81 -18.40
CA GLY C 277 -1.60 -26.42 -18.18
C GLY C 277 -0.29 -26.27 -17.43
N ILE C 278 0.01 -25.02 -17.08
CA ILE C 278 1.23 -24.65 -16.37
C ILE C 278 0.84 -24.01 -15.04
N TYR C 279 1.43 -24.51 -13.96
CA TYR C 279 1.23 -23.89 -12.66
C TYR C 279 2.42 -23.01 -12.34
N PRO C 280 2.28 -21.69 -12.35
CA PRO C 280 3.43 -20.82 -12.13
C PRO C 280 3.69 -20.53 -10.67
N ILE C 281 4.94 -20.70 -10.23
CA ILE C 281 5.37 -20.35 -8.89
C ILE C 281 6.27 -19.13 -9.03
N LYS C 282 5.71 -17.95 -8.78
CA LYS C 282 6.45 -16.72 -8.96
C LYS C 282 7.59 -16.62 -7.96
N LEU C 283 8.69 -15.99 -8.39
CA LEU C 283 9.77 -15.67 -7.45
C LEU C 283 9.25 -14.75 -6.35
N PHE C 284 8.45 -13.74 -6.72
CA PHE C 284 7.72 -12.93 -5.76
C PHE C 284 6.47 -13.70 -5.34
N TYR C 285 6.71 -14.81 -4.63
CA TYR C 285 5.61 -15.69 -4.24
C TYR C 285 4.59 -14.94 -3.40
N THR C 286 5.06 -14.20 -2.40
CA THR C 286 4.24 -13.21 -1.71
C THR C 286 4.47 -11.87 -2.41
N SER C 287 3.41 -11.34 -3.04
CA SER C 287 3.57 -10.22 -3.96
C SER C 287 4.22 -9.02 -3.28
N ASN C 288 3.54 -8.44 -2.29
CA ASN C 288 4.10 -7.31 -1.56
C ASN C 288 3.86 -7.41 -0.06
N ILE C 289 3.42 -8.56 0.44
CA ILE C 289 3.22 -8.71 1.89
C ILE C 289 4.51 -8.49 2.67
N PRO C 290 5.68 -9.03 2.27
CA PRO C 290 6.90 -8.72 3.04
C PRO C 290 7.20 -7.24 3.14
N ILE C 291 6.92 -6.48 2.09
CA ILE C 291 7.11 -5.04 2.13
C ILE C 291 6.09 -4.40 3.08
N ILE C 292 4.84 -4.84 3.01
CA ILE C 292 3.81 -4.32 3.90
C ILE C 292 4.09 -4.73 5.34
N LEU C 293 4.43 -6.00 5.55
CA LEU C 293 4.68 -6.49 6.91
C LEU C 293 5.88 -5.79 7.53
N GLN C 294 6.96 -5.63 6.76
CA GLN C 294 8.12 -4.91 7.28
C GLN C 294 7.80 -3.47 7.57
N SER C 295 7.12 -2.79 6.64
CA SER C 295 6.81 -1.38 6.83
C SER C 295 5.86 -1.18 8.00
N ALA C 296 4.86 -2.05 8.13
CA ALA C 296 3.93 -1.94 9.26
C ALA C 296 4.63 -2.17 10.58
N LEU C 297 5.57 -3.13 10.62
CA LEU C 297 6.30 -3.40 11.85
C LEU C 297 7.16 -2.21 12.26
N VAL C 298 7.90 -1.64 11.30
CA VAL C 298 8.77 -0.51 11.61
C VAL C 298 7.94 0.73 11.92
N SER C 299 6.90 0.98 11.13
CA SER C 299 6.08 2.17 11.34
C SER C 299 5.33 2.12 12.67
N ASN C 300 4.77 0.96 13.02
CA ASN C 300 4.14 0.80 14.32
C ASN C 300 5.16 0.94 15.45
N LEU C 301 6.36 0.41 15.24
CA LEU C 301 7.40 0.51 16.26
C LEU C 301 7.83 1.96 16.45
N TYR C 302 7.87 2.74 15.35
CA TYR C 302 8.22 4.16 15.46
C TYR C 302 7.19 4.92 16.28
N VAL C 303 5.90 4.63 16.07
CA VAL C 303 4.85 5.31 16.82
C VAL C 303 4.96 4.99 18.30
N ILE C 304 5.17 3.71 18.62
CA ILE C 304 5.31 3.32 20.03
C ILE C 304 6.53 3.98 20.66
N SER C 305 7.64 4.04 19.93
CA SER C 305 8.86 4.63 20.47
C SER C 305 8.66 6.12 20.77
N GLN C 306 8.02 6.85 19.86
CA GLN C 306 7.82 8.28 20.08
C GLN C 306 6.86 8.54 21.23
N MET C 307 5.80 7.74 21.34
CA MET C 307 4.86 7.92 22.45
C MET C 307 5.54 7.65 23.79
N LEU C 308 6.36 6.60 23.87
CA LEU C 308 7.06 6.31 25.10
C LEU C 308 8.18 7.32 25.39
N SER C 309 8.83 7.83 24.34
CA SER C 309 9.89 8.81 24.54
C SER C 309 9.34 10.11 25.10
N ALA C 310 8.18 10.56 24.61
CA ALA C 310 7.62 11.82 25.07
C ALA C 310 7.18 11.73 26.53
N ARG C 311 6.47 10.66 26.89
CA ARG C 311 5.94 10.54 28.24
C ARG C 311 7.00 10.02 29.21
N PHE C 312 7.49 8.81 28.98
CA PHE C 312 8.44 8.16 29.87
C PHE C 312 9.88 8.39 29.41
N SER C 313 10.24 9.67 29.32
CA SER C 313 11.60 10.03 28.94
C SER C 313 12.58 9.70 30.06
N GLY C 314 13.78 9.28 29.66
CA GLY C 314 14.84 8.96 30.58
C GLY C 314 14.97 7.50 30.95
N ASN C 315 13.92 6.71 30.70
CA ASN C 315 13.98 5.29 30.99
C ASN C 315 14.97 4.59 30.07
N LEU C 316 15.73 3.64 30.64
CA LEU C 316 16.73 2.93 29.85
C LEU C 316 16.07 2.08 28.76
N LEU C 317 14.98 1.39 29.09
CA LEU C 317 14.29 0.58 28.10
C LEU C 317 13.68 1.45 27.00
N VAL C 318 13.13 2.61 27.36
CA VAL C 318 12.59 3.53 26.37
C VAL C 318 13.69 4.04 25.46
N SER C 319 14.85 4.39 26.04
CA SER C 319 15.98 4.85 25.24
C SER C 319 16.52 3.74 24.35
N LEU C 320 16.52 2.50 24.84
CA LEU C 320 16.96 1.37 24.02
C LEU C 320 16.01 1.16 22.85
N LEU C 321 14.71 1.38 23.05
CA LEU C 321 13.75 1.24 21.98
C LEU C 321 13.98 2.25 20.87
N GLY C 322 14.39 3.47 21.22
CA GLY C 322 14.69 4.47 20.23
C GLY C 322 14.81 5.87 20.81
N THR C 323 15.79 6.63 20.34
CA THR C 323 16.00 8.00 20.76
C THR C 323 15.74 8.92 19.57
N TRP C 324 14.95 9.97 19.79
CA TRP C 324 14.48 10.84 18.74
C TRP C 324 14.99 12.26 18.94
N SER C 325 15.39 12.89 17.84
CA SER C 325 15.88 14.27 17.88
C SER C 325 15.01 15.18 17.03
N ARG C 334 9.72 17.98 12.38
CA ARG C 334 10.25 16.69 11.96
C ARG C 334 10.82 15.91 13.13
N ALA C 335 10.94 14.59 12.96
CA ALA C 335 11.49 13.73 14.00
C ALA C 335 12.04 12.47 13.35
N TYR C 336 13.34 12.23 13.52
CA TYR C 336 14.00 11.07 12.96
C TYR C 336 14.82 10.37 14.03
N PRO C 337 14.93 9.04 13.96
CA PRO C 337 15.69 8.32 14.99
C PRO C 337 17.18 8.64 14.90
N VAL C 338 17.82 8.67 16.07
CA VAL C 338 19.27 8.87 16.15
C VAL C 338 19.95 7.79 16.97
N GLY C 339 19.21 6.98 17.72
CA GLY C 339 19.79 5.93 18.52
C GLY C 339 18.75 4.89 18.87
N GLY C 340 19.19 3.87 19.57
CA GLY C 340 18.30 2.79 19.98
C GLY C 340 17.96 1.86 18.85
N LEU C 341 16.94 1.03 19.11
CA LEU C 341 16.52 0.03 18.13
C LEU C 341 15.95 0.68 16.87
N CYS C 342 15.19 1.77 17.05
CA CYS C 342 14.53 2.40 15.91
C CYS C 342 15.53 3.02 14.94
N TYR C 343 16.72 3.40 15.43
CA TYR C 343 17.73 3.96 14.54
C TYR C 343 18.23 2.92 13.55
N TYR C 344 18.47 1.69 14.02
CA TYR C 344 19.00 0.66 13.15
C TYR C 344 17.95 0.12 12.17
N LEU C 345 16.68 0.46 12.38
CA LEU C 345 15.62 0.07 11.46
C LEU C 345 15.34 1.13 10.41
N SER C 346 16.09 2.25 10.41
CA SER C 346 15.93 3.34 9.47
C SER C 346 17.03 3.29 8.41
N PRO C 347 16.72 3.70 7.18
CA PRO C 347 17.74 3.70 6.14
C PRO C 347 18.82 4.73 6.45
N PRO C 348 20.05 4.49 5.99
CA PRO C 348 21.11 5.48 6.19
C PRO C 348 20.76 6.80 5.51
N GLU C 349 21.13 7.91 6.17
CA GLU C 349 20.77 9.22 5.66
C GLU C 349 21.50 9.54 4.36
N SER C 350 22.78 9.25 4.27
CA SER C 350 23.58 9.57 3.10
C SER C 350 24.78 8.63 3.04
N PHE C 351 25.60 8.81 2.00
CA PHE C 351 26.81 8.02 1.87
C PHE C 351 27.79 8.30 3.01
N GLY C 352 27.86 9.56 3.43
CA GLY C 352 28.69 9.89 4.58
C GLY C 352 28.20 9.26 5.87
N SER C 353 26.88 9.10 6.00
CA SER C 353 26.34 8.42 7.17
C SER C 353 26.78 6.96 7.22
N VAL C 354 26.86 6.31 6.05
CA VAL C 354 27.36 4.93 5.99
C VAL C 354 28.81 4.87 6.44
N LEU C 355 29.64 5.81 5.98
CA LEU C 355 31.05 5.80 6.32
C LEU C 355 31.28 6.04 7.81
N GLU C 356 30.55 7.00 8.39
CA GLU C 356 30.76 7.32 9.79
C GLU C 356 30.23 6.22 10.70
N ASP C 357 29.16 5.54 10.30
CA ASP C 357 28.55 4.47 11.09
C ASP C 357 28.34 3.26 10.19
N PRO C 358 29.40 2.52 9.87
CA PRO C 358 29.24 1.32 9.03
C PRO C 358 28.41 0.23 9.67
N VAL C 359 28.33 0.19 11.01
CA VAL C 359 27.56 -0.85 11.68
C VAL C 359 26.07 -0.68 11.40
N HIS C 360 25.57 0.56 11.45
CA HIS C 360 24.14 0.79 11.22
C HIS C 360 23.74 0.42 9.79
N ALA C 361 24.56 0.75 8.80
CA ALA C 361 24.24 0.40 7.42
C ALA C 361 24.18 -1.11 7.23
N VAL C 362 25.12 -1.84 7.83
CA VAL C 362 25.10 -3.29 7.74
C VAL C 362 23.87 -3.86 8.44
N VAL C 363 23.57 -3.36 9.64
CA VAL C 363 22.41 -3.86 10.39
C VAL C 363 21.11 -3.58 9.64
N TYR C 364 20.99 -2.37 9.07
CA TYR C 364 19.77 -2.04 8.34
C TYR C 364 19.58 -2.94 7.14
N ILE C 365 20.66 -3.22 6.40
CA ILE C 365 20.57 -4.12 5.26
C ILE C 365 20.22 -5.53 5.72
N VAL C 366 20.87 -6.01 6.78
CA VAL C 366 20.58 -7.34 7.30
C VAL C 366 19.14 -7.43 7.78
N PHE C 367 18.68 -6.41 8.51
CA PHE C 367 17.29 -6.40 8.96
C PHE C 367 16.33 -6.35 7.78
N MET C 368 16.61 -5.50 6.80
CA MET C 368 15.73 -5.36 5.65
C MET C 368 15.64 -6.66 4.85
N LEU C 369 16.78 -7.31 4.62
CA LEU C 369 16.76 -8.60 3.92
C LEU C 369 16.20 -9.70 4.83
N GLY C 370 16.62 -9.72 6.09
CA GLY C 370 16.18 -10.79 6.97
C GLY C 370 14.69 -10.74 7.28
N SER C 371 14.18 -9.55 7.57
CA SER C 371 12.76 -9.44 7.91
C SER C 371 11.87 -9.77 6.72
N CYS C 372 12.21 -9.27 5.54
CA CYS C 372 11.39 -9.55 4.36
C CYS C 372 11.45 -11.03 3.99
N ALA C 373 12.62 -11.65 4.11
CA ALA C 373 12.72 -13.08 3.87
C ALA C 373 11.95 -13.87 4.93
N PHE C 374 12.04 -13.45 6.20
CA PHE C 374 11.33 -14.15 7.26
C PHE C 374 9.82 -13.93 7.16
N PHE C 375 9.39 -12.70 6.85
CA PHE C 375 7.97 -12.44 6.70
C PHE C 375 7.38 -13.21 5.53
N SER C 376 8.11 -13.31 4.44
CA SER C 376 7.61 -13.99 3.25
C SER C 376 7.39 -15.48 3.52
N LYS C 377 8.35 -16.13 4.17
CA LYS C 377 8.21 -17.55 4.44
C LYS C 377 7.20 -17.82 5.56
N THR C 378 7.01 -16.85 6.45
CA THR C 378 5.99 -17.01 7.48
C THR C 378 4.59 -16.78 6.92
N TRP C 379 4.47 -15.89 5.93
CA TRP C 379 3.16 -15.58 5.36
C TRP C 379 2.55 -16.79 4.65
N ILE C 380 3.38 -17.56 3.94
CA ILE C 380 2.86 -18.73 3.23
C ILE C 380 2.31 -19.77 4.18
N GLU C 381 2.77 -19.81 5.43
CA GLU C 381 2.22 -20.71 6.42
C GLU C 381 0.95 -20.18 7.07
N VAL C 382 0.54 -18.95 6.72
CA VAL C 382 -0.66 -18.33 7.27
C VAL C 382 -1.69 -18.06 6.19
N SER C 383 -1.26 -17.54 5.04
CA SER C 383 -2.18 -17.22 3.96
C SER C 383 -2.70 -18.46 3.24
N GLY C 384 -2.11 -19.63 3.50
CA GLY C 384 -2.54 -20.83 2.84
C GLY C 384 -1.81 -21.14 1.54
N SER C 385 -0.67 -20.52 1.29
CA SER C 385 0.14 -20.80 0.11
C SER C 385 1.35 -21.67 0.44
N SER C 386 1.34 -22.34 1.59
CA SER C 386 2.40 -23.26 1.94
C SER C 386 2.36 -24.48 1.02
N PRO C 387 3.49 -25.17 0.85
CA PRO C 387 3.49 -26.35 -0.04
C PRO C 387 2.46 -27.40 0.35
N ARG C 388 2.20 -27.59 1.64
CA ARG C 388 1.19 -28.57 2.05
C ARG C 388 -0.20 -28.15 1.59
N ASP C 389 -0.53 -26.86 1.72
CA ASP C 389 -1.84 -26.40 1.27
C ASP C 389 -1.95 -26.42 -0.26
N ILE C 390 -0.86 -26.07 -0.95
CA ILE C 390 -0.89 -26.13 -2.41
C ILE C 390 -0.97 -27.57 -2.88
N ALA C 391 -0.30 -28.49 -2.18
CA ALA C 391 -0.39 -29.91 -2.53
C ALA C 391 -1.81 -30.42 -2.34
N LYS C 392 -2.50 -29.98 -1.30
CA LYS C 392 -3.88 -30.38 -1.08
C LYS C 392 -4.78 -29.90 -2.21
N GLN C 393 -4.56 -28.67 -2.69
CA GLN C 393 -5.32 -28.17 -3.83
C GLN C 393 -5.08 -29.02 -5.07
N PHE C 394 -3.85 -29.47 -5.27
CA PHE C 394 -3.56 -30.37 -6.38
C PHE C 394 -4.34 -31.68 -6.24
N LYS C 395 -4.39 -32.23 -5.03
CA LYS C 395 -5.13 -33.48 -4.81
C LYS C 395 -6.63 -33.27 -5.00
N ASP C 396 -7.16 -32.13 -4.54
CA ASP C 396 -8.58 -31.86 -4.71
C ASP C 396 -8.95 -31.75 -6.18
N GLN C 397 -8.12 -31.06 -6.97
CA GLN C 397 -8.36 -30.92 -8.39
C GLN C 397 -7.82 -32.09 -9.21
N GLY C 398 -7.14 -33.04 -8.57
CA GLY C 398 -6.61 -34.18 -9.29
C GLY C 398 -5.38 -33.89 -10.12
N MET C 399 -4.77 -32.71 -9.95
CA MET C 399 -3.60 -32.34 -10.72
C MET C 399 -2.36 -33.04 -10.19
N VAL C 400 -1.50 -33.49 -11.11
CA VAL C 400 -0.21 -34.07 -10.78
C VAL C 400 0.83 -33.42 -11.70
N ILE C 401 2.09 -33.53 -11.29
CA ILE C 401 3.20 -32.99 -12.06
C ILE C 401 3.62 -34.03 -13.10
N ASN C 402 4.04 -33.53 -14.26
CA ASN C 402 4.34 -34.41 -15.40
C ASN C 402 5.38 -35.47 -15.05
N GLY C 403 6.59 -35.03 -14.70
CA GLY C 403 7.69 -35.94 -14.45
C GLY C 403 7.73 -36.56 -13.07
N LYS C 404 6.76 -36.26 -12.21
CA LYS C 404 6.74 -36.75 -10.84
C LYS C 404 5.50 -37.61 -10.60
N ARG C 405 5.61 -38.52 -9.63
CA ARG C 405 4.51 -39.39 -9.28
C ARG C 405 3.42 -38.62 -8.54
N GLU C 406 2.24 -39.22 -8.46
CA GLU C 406 1.13 -38.61 -7.75
C GLU C 406 1.44 -38.47 -6.26
N THR C 407 2.26 -39.36 -5.71
CA THR C 407 2.67 -39.23 -4.32
C THR C 407 3.72 -38.14 -4.14
N SER C 408 4.53 -37.89 -5.17
CA SER C 408 5.60 -36.89 -5.10
C SER C 408 5.14 -35.53 -5.62
N ILE C 409 4.07 -34.99 -5.04
CA ILE C 409 3.60 -33.66 -5.39
C ILE C 409 4.02 -32.69 -4.30
N TYR C 410 3.83 -33.09 -3.04
CA TYR C 410 4.22 -32.24 -1.92
C TYR C 410 5.74 -32.12 -1.81
N ARG C 411 6.47 -33.20 -2.09
CA ARG C 411 7.93 -33.15 -2.00
C ARG C 411 8.51 -32.18 -3.02
N GLU C 412 8.01 -32.21 -4.26
CA GLU C 412 8.48 -31.26 -5.27
C GLU C 412 8.09 -29.83 -4.92
N LEU C 413 6.88 -29.65 -4.38
CA LEU C 413 6.47 -28.32 -3.93
C LEU C 413 7.30 -27.86 -2.75
N LYS C 414 7.78 -28.80 -1.93
CA LYS C 414 8.64 -28.43 -0.80
C LYS C 414 9.98 -27.90 -1.25
N LYS C 415 10.40 -28.22 -2.48
CA LYS C 415 11.69 -27.76 -2.98
C LYS C 415 11.60 -26.35 -3.56
N ILE C 416 10.44 -25.97 -4.10
CA ILE C 416 10.32 -24.72 -4.84
C ILE C 416 9.68 -23.62 -3.99
N ILE C 417 8.50 -23.90 -3.41
CA ILE C 417 7.74 -22.84 -2.74
C ILE C 417 8.49 -22.25 -1.54
N PRO C 418 9.04 -23.04 -0.62
CA PRO C 418 9.78 -22.42 0.49
C PRO C 418 10.97 -21.60 0.04
N THR C 419 11.67 -22.04 -1.01
CA THR C 419 12.78 -21.27 -1.54
C THR C 419 12.29 -20.00 -2.24
N ALA C 420 11.20 -20.12 -3.00
CA ALA C 420 10.67 -18.95 -3.72
C ALA C 420 10.20 -17.88 -2.74
N ALA C 421 9.56 -18.28 -1.64
CA ALA C 421 9.11 -17.30 -0.66
C ALA C 421 10.29 -16.63 0.04
N ALA C 422 11.23 -17.44 0.54
CA ALA C 422 12.36 -16.89 1.29
C ALA C 422 13.25 -16.03 0.40
N PHE C 423 13.61 -16.54 -0.78
CA PHE C 423 14.47 -15.78 -1.67
C PHE C 423 13.72 -14.62 -2.31
N GLY C 424 12.43 -14.83 -2.62
CA GLY C 424 11.65 -13.74 -3.18
C GLY C 424 11.48 -12.58 -2.21
N GLY C 425 11.26 -12.89 -0.94
CA GLY C 425 11.25 -11.85 0.08
C GLY C 425 12.60 -11.18 0.24
N LEU C 426 13.67 -11.98 0.18
CA LEU C 426 15.02 -11.41 0.23
C LEU C 426 15.30 -10.54 -1.00
N CYS C 427 14.86 -10.99 -2.18
CA CYS C 427 15.02 -10.18 -3.38
C CYS C 427 14.20 -8.91 -3.31
N ILE C 428 12.95 -9.01 -2.83
CA ILE C 428 12.12 -7.82 -2.73
C ILE C 428 12.58 -6.93 -1.58
N GLY C 429 13.33 -7.49 -0.62
CA GLY C 429 13.95 -6.66 0.39
C GLY C 429 15.18 -5.93 -0.13
N ALA C 430 15.89 -6.55 -1.07
CA ALA C 430 17.07 -5.93 -1.64
C ALA C 430 16.69 -4.80 -2.60
N LEU C 431 15.58 -4.97 -3.33
CA LEU C 431 15.15 -3.95 -4.26
C LEU C 431 14.72 -2.68 -3.54
N SER C 432 14.11 -2.83 -2.36
CA SER C 432 13.75 -1.66 -1.57
C SER C 432 14.99 -0.93 -1.07
N VAL C 433 16.03 -1.67 -0.69
CA VAL C 433 17.30 -1.05 -0.30
C VAL C 433 17.91 -0.32 -1.50
N LEU C 434 17.91 -0.96 -2.67
CA LEU C 434 18.48 -0.34 -3.85
C LEU C 434 17.75 0.94 -4.22
N ALA C 435 16.41 0.92 -4.15
CA ALA C 435 15.64 2.12 -4.42
C ALA C 435 15.94 3.21 -3.40
N ASP C 436 16.06 2.83 -2.12
CA ASP C 436 16.38 3.82 -1.08
C ASP C 436 17.81 4.33 -1.22
N PHE C 437 18.77 3.45 -1.54
CA PHE C 437 20.15 3.87 -1.68
C PHE C 437 20.37 4.73 -2.93
N LEU C 438 19.55 4.54 -3.96
CA LEU C 438 19.62 5.37 -5.16
C LEU C 438 18.83 6.66 -5.02
N GLY C 439 18.14 6.86 -3.90
CA GLY C 439 17.36 8.07 -3.71
C GLY C 439 16.17 8.20 -4.63
N ALA C 440 15.56 7.09 -5.01
CA ALA C 440 14.45 7.09 -5.93
C ALA C 440 13.22 7.74 -5.39
N ILE C 441 12.58 8.57 -6.20
CA ILE C 441 11.38 9.24 -5.78
C ILE C 441 10.41 8.13 -5.59
N GLY C 442 9.77 8.07 -4.44
CA GLY C 442 8.80 7.05 -4.18
C GLY C 442 9.33 6.23 -3.05
N SER C 443 10.66 6.19 -2.94
CA SER C 443 11.30 5.42 -1.88
C SER C 443 11.35 3.94 -2.23
N GLY C 444 11.82 3.11 -1.30
CA GLY C 444 11.90 1.69 -1.54
C GLY C 444 10.57 0.99 -1.32
N THR C 445 9.91 1.29 -0.20
CA THR C 445 8.63 0.68 0.08
C THR C 445 7.56 1.11 -0.92
N GLY C 446 7.49 2.41 -1.19
CA GLY C 446 6.43 2.91 -2.05
C GLY C 446 6.51 2.41 -3.48
N ILE C 447 7.70 2.48 -4.08
CA ILE C 447 7.85 2.09 -5.48
C ILE C 447 7.57 0.60 -5.65
N LEU C 448 8.12 -0.23 -4.77
CA LEU C 448 7.91 -1.67 -4.86
C LEU C 448 6.44 -2.01 -4.62
N LEU C 449 5.78 -1.30 -3.71
CA LEU C 449 4.35 -1.47 -3.54
C LEU C 449 3.59 -1.10 -4.80
N ALA C 450 3.96 0.01 -5.43
CA ALA C 450 3.26 0.46 -6.62
C ALA C 450 3.41 -0.53 -7.77
N VAL C 451 4.63 -1.03 -7.99
CA VAL C 451 4.88 -1.95 -9.10
C VAL C 451 4.14 -3.26 -8.89
N THR C 452 4.17 -3.80 -7.67
CA THR C 452 3.54 -5.09 -7.41
C THR C 452 2.01 -4.99 -7.48
N ILE C 453 1.45 -3.87 -7.03
CA ILE C 453 0.00 -3.71 -7.08
C ILE C 453 -0.48 -3.56 -8.51
N ILE C 454 0.25 -2.79 -9.33
CA ILE C 454 -0.13 -2.64 -10.73
C ILE C 454 -0.01 -3.97 -11.47
N TYR C 455 0.98 -4.79 -11.12
CA TYR C 455 1.11 -6.10 -11.74
C TYR C 455 -0.08 -6.99 -11.40
N GLN C 456 -0.64 -6.85 -10.20
CA GLN C 456 -1.84 -7.59 -9.86
C GLN C 456 -3.01 -7.21 -10.75
N TYR C 457 -3.06 -5.94 -11.17
CA TYR C 457 -4.09 -5.51 -12.11
C TYR C 457 -3.78 -6.01 -13.52
N PHE C 458 -2.50 -6.02 -13.90
CA PHE C 458 -2.12 -6.56 -15.20
C PHE C 458 -2.40 -8.06 -15.28
N GLU C 459 -2.11 -8.79 -14.19
CA GLU C 459 -2.35 -10.23 -14.21
C GLU C 459 -3.84 -10.57 -14.18
N ILE C 460 -4.68 -9.65 -13.71
CA ILE C 460 -6.13 -9.82 -13.86
C ILE C 460 -6.53 -9.65 -15.32
N PHE C 461 -5.92 -8.67 -16.01
CA PHE C 461 -6.23 -8.44 -17.41
C PHE C 461 -5.91 -9.66 -18.26
N VAL C 462 -4.72 -10.24 -18.07
CA VAL C 462 -4.34 -11.40 -18.87
C VAL C 462 -5.17 -12.62 -18.48
N LYS C 463 -5.61 -12.70 -17.21
CA LYS C 463 -6.47 -13.80 -16.79
C LYS C 463 -7.83 -13.72 -17.49
N GLU C 464 -8.42 -12.53 -17.55
CA GLU C 464 -9.68 -12.36 -18.26
C GLU C 464 -9.49 -12.54 -19.76
N GLN C 465 -8.37 -12.06 -20.31
CA GLN C 465 -8.11 -12.22 -21.73
C GLN C 465 -7.91 -13.69 -22.09
N SER C 466 -7.22 -14.44 -21.23
CA SER C 466 -6.98 -15.86 -21.50
C SER C 466 -8.29 -16.64 -21.52
N GLU C 467 -9.23 -16.29 -20.63
CA GLU C 467 -10.52 -16.96 -20.61
C GLU C 467 -11.28 -16.73 -21.91
N VAL C 468 -11.23 -15.51 -22.43
CA VAL C 468 -11.90 -15.18 -23.68
C VAL C 468 -11.10 -15.72 -24.87
#